data_5F42
#
_entry.id   5F42
#
_cell.length_a   105.380
_cell.length_b   105.380
_cell.length_c   285.790
_cell.angle_alpha   90.00
_cell.angle_beta   90.00
_cell.angle_gamma   120.00
#
_symmetry.space_group_name_H-M   'H 3 2'
#
loop_
_entity.id
_entity.type
_entity.pdbx_description
1 polymer 'Acyl-[acyl-carrier-protein]--UDP-N-acetylglucosamine O-acyltransferase'
2 water water
#
_entity_poly.entity_id   1
_entity_poly.type   'polypeptide(L)'
_entity_poly.pdbx_seq_one_letter_code
;MIHSLAVVHESAKIADSAIIGPFCVIGKNVVIGENTELKSHVTIGDNAVIGKNNRIFQYASIGDDPIDYTYKKGDFSQVV
IGDNNIIRECATIHGGTAKEIGVTSVGNNNIIMCYVHIGHDCKIGSYINLVNGVGLAGHVHIDDYAILSSNVGVHQFCRV
GKHAFIAHAALVGKDVPPYLMVTAVNAGSTPCGINTEGLKRRGFTPEEMKKIKEVYKVLYRKGLMMKEAFEIIKEMAKED
KVLEPFVDVIGTSRRGILRDPNSSSVDKLAAALEHHHHHH
;
_entity_poly.pdbx_strand_id   A,B
#
# COMPACT_ATOMS: atom_id res chain seq x y z
N MET A 1 -16.80 30.32 -39.60
CA MET A 1 -18.18 30.28 -40.15
C MET A 1 -19.02 29.21 -39.47
N ILE A 2 -20.27 29.56 -39.19
CA ILE A 2 -21.23 28.60 -38.66
C ILE A 2 -21.93 27.92 -39.83
N HIS A 3 -21.70 26.62 -39.96
CA HIS A 3 -22.28 25.87 -41.08
C HIS A 3 -23.81 25.96 -41.04
N SER A 4 -24.43 26.05 -42.21
CA SER A 4 -25.88 26.17 -42.32
C SER A 4 -26.61 24.97 -41.69
N LEU A 5 -25.91 23.84 -41.59
CA LEU A 5 -26.48 22.60 -41.10
C LEU A 5 -26.17 22.33 -39.61
N ALA A 6 -25.63 23.33 -38.92
CA ALA A 6 -25.41 23.26 -37.49
C ALA A 6 -26.62 23.80 -36.73
N VAL A 7 -26.84 23.33 -35.51
CA VAL A 7 -27.87 23.87 -34.62
C VAL A 7 -27.21 24.64 -33.49
N VAL A 8 -27.50 25.95 -33.43
CA VAL A 8 -26.90 26.84 -32.45
C VAL A 8 -28.00 27.65 -31.75
N HIS A 9 -28.04 27.55 -30.42
CA HIS A 9 -28.97 28.35 -29.63
C HIS A 9 -28.65 29.83 -29.80
N GLU A 10 -29.69 30.66 -29.88
CA GLU A 10 -29.50 32.08 -30.18
C GLU A 10 -28.74 32.87 -29.09
N SER A 11 -28.70 32.34 -27.87
CA SER A 11 -27.93 32.95 -26.77
C SER A 11 -26.44 32.61 -26.77
N ALA A 12 -26.01 31.74 -27.68
CA ALA A 12 -24.60 31.37 -27.78
C ALA A 12 -23.73 32.49 -28.37
N LYS A 13 -22.54 32.68 -27.79
CA LYS A 13 -21.59 33.67 -28.30
C LYS A 13 -20.43 32.97 -28.97
N ILE A 14 -20.35 33.14 -30.28
CA ILE A 14 -19.35 32.45 -31.10
C ILE A 14 -18.52 33.48 -31.84
N ALA A 15 -17.22 33.45 -31.61
CA ALA A 15 -16.28 34.36 -32.27
C ALA A 15 -16.38 34.21 -33.78
N ASP A 16 -16.13 35.31 -34.51
CA ASP A 16 -16.19 35.31 -35.98
C ASP A 16 -15.32 34.22 -36.64
N SER A 17 -14.15 33.99 -36.07
CA SER A 17 -13.16 33.09 -36.66
C SER A 17 -13.35 31.63 -36.26
N ALA A 18 -14.30 31.37 -35.36
CA ALA A 18 -14.65 30.00 -35.00
C ALA A 18 -15.33 29.27 -36.15
N ILE A 19 -15.02 27.98 -36.31
CA ILE A 19 -15.67 27.15 -37.32
C ILE A 19 -16.58 26.15 -36.63
N ILE A 20 -17.88 26.25 -36.90
CA ILE A 20 -18.86 25.32 -36.35
C ILE A 20 -19.33 24.46 -37.51
N GLY A 21 -18.87 23.22 -37.56
CA GLY A 21 -19.15 22.32 -38.68
C GLY A 21 -20.60 21.85 -38.79
N PRO A 22 -20.89 21.01 -39.80
CA PRO A 22 -22.27 20.55 -39.99
C PRO A 22 -22.68 19.58 -38.88
N PHE A 23 -23.94 19.67 -38.48
CA PHE A 23 -24.54 18.72 -37.53
C PHE A 23 -24.03 18.87 -36.10
N CYS A 24 -23.38 20.01 -35.82
CA CYS A 24 -23.05 20.38 -34.43
C CYS A 24 -24.31 20.87 -33.73
N VAL A 25 -24.40 20.61 -32.43
CA VAL A 25 -25.50 21.11 -31.61
C VAL A 25 -24.91 21.93 -30.46
N ILE A 26 -25.21 23.22 -30.43
CA ILE A 26 -24.64 24.15 -29.44
C ILE A 26 -25.74 24.69 -28.52
N GLY A 27 -25.62 24.38 -27.22
CA GLY A 27 -26.63 24.73 -26.22
C GLY A 27 -26.67 26.17 -25.75
N LYS A 28 -27.47 26.40 -24.70
CA LYS A 28 -27.70 27.74 -24.16
C LYS A 28 -26.48 28.35 -23.50
N ASN A 29 -26.28 29.64 -23.73
CA ASN A 29 -25.26 30.44 -23.03
C ASN A 29 -23.83 29.92 -23.16
N VAL A 30 -23.55 29.34 -24.32
CA VAL A 30 -22.23 28.82 -24.62
C VAL A 30 -21.38 29.97 -25.15
N VAL A 31 -20.09 29.94 -24.82
CA VAL A 31 -19.11 30.85 -25.38
C VAL A 31 -18.04 30.02 -26.07
N ILE A 32 -17.83 30.28 -27.36
CA ILE A 32 -16.76 29.63 -28.11
C ILE A 32 -15.79 30.70 -28.65
N GLY A 33 -14.52 30.57 -28.31
CA GLY A 33 -13.51 31.59 -28.65
C GLY A 33 -12.96 31.58 -30.06
N GLU A 34 -12.01 32.48 -30.30
CA GLU A 34 -11.40 32.70 -31.62
C GLU A 34 -10.61 31.52 -32.16
N ASN A 35 -10.83 31.21 -33.44
CA ASN A 35 -10.03 30.21 -34.15
C ASN A 35 -10.23 28.77 -33.64
N THR A 36 -11.31 28.53 -32.90
CA THR A 36 -11.62 27.18 -32.47
C THR A 36 -12.44 26.49 -33.56
N GLU A 37 -12.08 25.25 -33.90
CA GLU A 37 -12.86 24.48 -34.85
C GLU A 37 -13.59 23.31 -34.20
N LEU A 38 -14.89 23.20 -34.52
CA LEU A 38 -15.71 22.05 -34.19
C LEU A 38 -16.00 21.35 -35.50
N LYS A 39 -15.32 20.24 -35.75
CA LYS A 39 -15.27 19.63 -37.09
C LYS A 39 -16.63 19.27 -37.68
N SER A 40 -17.36 18.37 -37.02
CA SER A 40 -18.75 18.02 -37.37
C SER A 40 -19.32 17.15 -36.24
N HIS A 41 -20.64 17.09 -36.10
CA HIS A 41 -21.28 16.18 -35.15
C HIS A 41 -20.88 16.41 -33.68
N VAL A 42 -20.50 17.64 -33.35
CA VAL A 42 -20.08 17.96 -31.98
C VAL A 42 -21.26 18.49 -31.16
N THR A 43 -21.41 17.97 -29.95
CA THR A 43 -22.44 18.47 -29.02
C THR A 43 -21.80 19.27 -27.89
N ILE A 44 -22.22 20.53 -27.76
CA ILE A 44 -21.76 21.41 -26.68
C ILE A 44 -22.93 21.71 -25.74
N GLY A 45 -22.78 21.33 -24.48
CA GLY A 45 -23.83 21.50 -23.48
C GLY A 45 -23.96 22.94 -23.02
N ASP A 46 -25.09 23.23 -22.35
CA ASP A 46 -25.37 24.56 -21.83
C ASP A 46 -24.26 25.07 -20.91
N ASN A 47 -23.96 26.37 -21.02
CA ASN A 47 -23.03 27.08 -20.11
C ASN A 47 -21.55 26.83 -20.35
N ALA A 48 -21.22 26.05 -21.36
CA ALA A 48 -19.84 25.67 -21.64
C ALA A 48 -19.05 26.88 -22.12
N VAL A 49 -17.79 26.95 -21.71
CA VAL A 49 -16.89 28.04 -22.11
C VAL A 49 -15.68 27.38 -22.75
N ILE A 50 -15.45 27.69 -24.01
CA ILE A 50 -14.35 27.11 -24.79
C ILE A 50 -13.45 28.26 -25.30
N GLY A 51 -12.14 28.10 -25.12
CA GLY A 51 -11.19 29.17 -25.44
C GLY A 51 -10.82 29.22 -26.91
N LYS A 52 -9.60 29.68 -27.17
CA LYS A 52 -9.13 29.86 -28.55
C LYS A 52 -8.30 28.70 -29.06
N ASN A 53 -8.23 28.58 -30.39
CA ASN A 53 -7.33 27.64 -31.08
C ASN A 53 -7.55 26.16 -30.74
N ASN A 54 -8.78 25.83 -30.32
CA ASN A 54 -9.14 24.45 -30.01
C ASN A 54 -9.59 23.69 -31.25
N ARG A 55 -9.28 22.41 -31.31
CA ARG A 55 -9.73 21.59 -32.42
C ARG A 55 -10.50 20.40 -31.84
N ILE A 56 -11.80 20.37 -32.08
CA ILE A 56 -12.67 19.36 -31.48
C ILE A 56 -13.28 18.48 -32.56
N PHE A 57 -13.06 17.17 -32.44
CA PHE A 57 -13.42 16.23 -33.50
C PHE A 57 -14.84 15.70 -33.34
N GLN A 58 -15.35 15.11 -34.42
CA GLN A 58 -16.70 14.55 -34.49
C GLN A 58 -17.06 13.62 -33.33
N TYR A 59 -18.34 13.66 -32.94
CA TYR A 59 -18.92 12.83 -31.86
C TYR A 59 -18.36 13.09 -30.46
N ALA A 60 -17.67 14.21 -30.28
CA ALA A 60 -17.24 14.63 -28.95
C ALA A 60 -18.40 15.33 -28.26
N SER A 61 -18.60 14.99 -27.00
CA SER A 61 -19.69 15.54 -26.20
C SER A 61 -19.06 16.38 -25.09
N ILE A 62 -19.36 17.67 -25.08
CA ILE A 62 -18.68 18.55 -24.14
C ILE A 62 -19.67 19.39 -23.35
N GLY A 63 -19.61 19.26 -22.02
CA GLY A 63 -20.32 20.17 -21.13
C GLY A 63 -21.71 19.72 -20.75
N ASP A 64 -22.05 18.48 -21.11
CA ASP A 64 -23.37 17.90 -20.81
C ASP A 64 -23.48 17.37 -19.38
N ASP A 65 -24.66 16.86 -19.02
CA ASP A 65 -24.97 16.45 -17.65
C ASP A 65 -23.91 15.54 -17.04
N PRO A 66 -23.60 15.75 -15.74
CA PRO A 66 -22.76 14.81 -15.00
C PRO A 66 -23.45 13.46 -14.85
N ILE A 67 -22.67 12.38 -14.70
CA ILE A 67 -23.23 11.11 -14.26
C ILE A 67 -22.97 11.04 -12.76
N ASP A 68 -23.96 11.47 -12.00
CA ASP A 68 -23.85 11.55 -10.55
C ASP A 68 -25.25 11.43 -9.96
N TYR A 69 -25.46 10.41 -9.15
CA TYR A 69 -26.78 10.16 -8.57
C TYR A 69 -27.27 11.31 -7.71
N THR A 70 -26.34 12.18 -7.30
CA THR A 70 -26.68 13.36 -6.49
C THR A 70 -27.13 14.54 -7.35
N TYR A 71 -26.85 14.48 -8.65
CA TYR A 71 -27.27 15.52 -9.58
C TYR A 71 -28.76 15.43 -9.89
N LYS A 72 -29.39 16.60 -10.01
CA LYS A 72 -30.79 16.71 -10.40
C LYS A 72 -30.93 17.92 -11.31
N LYS A 73 -31.85 17.85 -12.27
CA LYS A 73 -32.09 18.98 -13.16
C LYS A 73 -32.45 20.21 -12.34
N GLY A 74 -31.83 21.34 -12.67
CA GLY A 74 -31.95 22.57 -11.89
C GLY A 74 -30.63 22.94 -11.24
N ASP A 75 -29.69 21.99 -11.21
CA ASP A 75 -28.33 22.25 -10.78
C ASP A 75 -27.57 22.89 -11.93
N PHE A 76 -26.73 23.88 -11.61
CA PHE A 76 -25.86 24.51 -12.60
C PHE A 76 -24.67 23.61 -12.89
N SER A 77 -24.44 23.33 -14.17
CA SER A 77 -23.35 22.46 -14.58
C SER A 77 -22.58 23.08 -15.74
N GLN A 78 -21.26 23.09 -15.60
CA GLN A 78 -20.39 23.78 -16.55
C GLN A 78 -19.07 23.07 -16.80
N VAL A 79 -18.63 23.15 -18.05
CA VAL A 79 -17.25 22.81 -18.44
C VAL A 79 -16.54 24.08 -18.93
N VAL A 80 -15.33 24.31 -18.41
CA VAL A 80 -14.47 25.35 -18.93
C VAL A 80 -13.28 24.69 -19.60
N ILE A 81 -13.01 25.08 -20.85
CA ILE A 81 -11.86 24.60 -21.61
C ILE A 81 -10.98 25.77 -22.03
N GLY A 82 -9.68 25.64 -21.83
CA GLY A 82 -8.71 26.68 -22.19
C GLY A 82 -8.40 26.76 -23.67
N ASP A 83 -7.12 26.97 -24.00
CA ASP A 83 -6.71 27.26 -25.37
C ASP A 83 -5.83 26.15 -25.92
N ASN A 84 -5.78 26.05 -27.25
CA ASN A 84 -4.81 25.20 -27.98
C ASN A 84 -4.96 23.70 -27.70
N ASN A 85 -6.17 23.27 -27.34
CA ASN A 85 -6.43 21.84 -27.08
C ASN A 85 -6.84 21.07 -28.31
N ILE A 86 -6.50 19.78 -28.33
CA ILE A 86 -7.07 18.87 -29.31
C ILE A 86 -7.92 17.84 -28.58
N ILE A 87 -9.18 17.76 -28.96
CA ILE A 87 -10.11 16.79 -28.37
C ILE A 87 -10.65 15.88 -29.48
N ARG A 88 -10.30 14.60 -29.41
CA ARG A 88 -10.55 13.64 -30.48
C ARG A 88 -11.94 12.97 -30.42
N GLU A 89 -12.19 12.07 -31.37
CA GLU A 89 -13.51 11.46 -31.60
C GLU A 89 -14.07 10.74 -30.40
N CYS A 90 -15.38 10.89 -30.17
CA CYS A 90 -16.12 10.19 -29.12
C CYS A 90 -15.65 10.51 -27.69
N ALA A 91 -14.91 11.61 -27.52
CA ALA A 91 -14.52 12.03 -26.18
C ALA A 91 -15.75 12.56 -25.42
N THR A 92 -15.77 12.38 -24.11
CA THR A 92 -16.86 12.90 -23.28
C THR A 92 -16.31 13.68 -22.11
N ILE A 93 -16.67 14.96 -22.05
CA ILE A 93 -16.27 15.83 -20.96
C ILE A 93 -17.55 16.37 -20.32
N HIS A 94 -17.81 15.94 -19.09
CA HIS A 94 -19.05 16.29 -18.40
C HIS A 94 -18.84 17.48 -17.47
N GLY A 95 -19.90 18.24 -17.26
CA GLY A 95 -19.89 19.41 -16.36
C GLY A 95 -19.79 19.03 -14.90
N GLY A 96 -19.65 20.04 -14.03
CA GLY A 96 -19.48 19.80 -12.60
C GLY A 96 -20.79 19.59 -11.86
N THR A 97 -20.69 19.39 -10.54
CA THR A 97 -21.86 19.15 -9.68
C THR A 97 -21.95 20.14 -8.51
N ALA A 98 -23.13 20.18 -7.90
CA ALA A 98 -23.49 21.15 -6.85
C ALA A 98 -22.76 20.96 -5.54
N LYS A 99 -22.23 19.76 -5.32
CA LYS A 99 -21.48 19.41 -4.10
C LYS A 99 -20.09 20.08 -4.05
N GLU A 100 -19.59 20.51 -5.20
CA GLU A 100 -18.40 21.36 -5.26
C GLU A 100 -18.83 22.75 -5.74
N ILE A 101 -18.46 23.10 -6.97
CA ILE A 101 -18.77 24.41 -7.54
C ILE A 101 -19.50 24.31 -8.90
N GLY A 102 -19.78 23.09 -9.32
CA GLY A 102 -20.47 22.84 -10.58
C GLY A 102 -19.61 23.04 -11.81
N VAL A 103 -18.29 22.99 -11.66
CA VAL A 103 -17.36 23.22 -12.77
C VAL A 103 -16.34 22.08 -13.00
N THR A 104 -16.30 21.59 -14.24
CA THR A 104 -15.19 20.77 -14.74
C THR A 104 -14.28 21.70 -15.55
N SER A 105 -12.98 21.64 -15.31
CA SER A 105 -12.10 22.55 -16.03
C SER A 105 -10.95 21.85 -16.73
N VAL A 106 -10.65 22.33 -17.94
CA VAL A 106 -9.52 21.83 -18.73
C VAL A 106 -8.65 23.03 -19.11
N GLY A 107 -7.34 22.89 -18.91
CA GLY A 107 -6.39 23.97 -19.20
C GLY A 107 -5.98 24.08 -20.65
N ASN A 108 -4.69 24.29 -20.89
CA ASN A 108 -4.19 24.61 -22.23
C ASN A 108 -3.31 23.53 -22.83
N ASN A 109 -3.28 23.47 -24.15
CA ASN A 109 -2.30 22.66 -24.88
C ASN A 109 -2.36 21.15 -24.60
N ASN A 110 -3.56 20.67 -24.33
CA ASN A 110 -3.75 19.25 -24.05
C ASN A 110 -4.09 18.46 -25.29
N ILE A 111 -3.73 17.17 -25.29
CA ILE A 111 -4.18 16.23 -26.30
C ILE A 111 -5.06 15.20 -25.57
N ILE A 112 -6.36 15.26 -25.85
CA ILE A 112 -7.34 14.35 -25.29
C ILE A 112 -7.80 13.49 -26.46
N MET A 113 -7.47 12.20 -26.41
CA MET A 113 -7.63 11.29 -27.55
C MET A 113 -8.98 10.57 -27.57
N CYS A 114 -9.10 9.58 -28.45
CA CYS A 114 -10.37 8.94 -28.74
C CYS A 114 -10.96 8.23 -27.53
N TYR A 115 -12.27 8.35 -27.35
CA TYR A 115 -13.05 7.67 -26.28
C TYR A 115 -12.63 8.08 -24.87
N VAL A 116 -11.95 9.23 -24.75
CA VAL A 116 -11.51 9.66 -23.41
C VAL A 116 -12.69 10.24 -22.64
N HIS A 117 -12.79 9.85 -21.37
CA HIS A 117 -13.85 10.33 -20.49
C HIS A 117 -13.27 11.14 -19.34
N ILE A 118 -13.72 12.39 -19.24
CA ILE A 118 -13.36 13.30 -18.16
C ILE A 118 -14.65 13.57 -17.37
N GLY A 119 -14.79 12.94 -16.22
CA GLY A 119 -16.03 12.98 -15.45
C GLY A 119 -16.25 14.30 -14.71
N HIS A 120 -17.38 14.38 -14.03
CA HIS A 120 -17.79 15.62 -13.35
C HIS A 120 -16.72 16.12 -12.38
N ASP A 121 -16.49 17.43 -12.38
CA ASP A 121 -15.65 18.10 -11.37
C ASP A 121 -14.15 17.80 -11.47
N CYS A 122 -13.73 17.23 -12.59
CA CYS A 122 -12.29 17.06 -12.82
C CYS A 122 -11.59 18.39 -13.02
N LYS A 123 -10.30 18.42 -12.69
CA LYS A 123 -9.47 19.56 -12.97
C LYS A 123 -8.29 19.02 -13.77
N ILE A 124 -8.26 19.35 -15.05
CA ILE A 124 -7.19 18.94 -15.95
C ILE A 124 -6.29 20.15 -16.22
N GLY A 125 -4.98 19.96 -16.04
CA GLY A 125 -4.03 21.04 -16.23
C GLY A 125 -3.66 21.29 -17.67
N SER A 126 -2.39 21.58 -17.91
CA SER A 126 -1.93 21.96 -19.25
C SER A 126 -0.84 21.02 -19.76
N TYR A 127 -0.74 20.90 -21.08
CA TYR A 127 0.31 20.09 -21.75
C TYR A 127 0.21 18.59 -21.49
N ILE A 128 -1.00 18.13 -21.18
CA ILE A 128 -1.25 16.73 -20.80
C ILE A 128 -1.62 15.89 -22.02
N ASN A 129 -1.19 14.62 -22.03
CA ASN A 129 -1.68 13.63 -22.98
C ASN A 129 -2.58 12.61 -22.28
N LEU A 130 -3.83 12.52 -22.70
CA LEU A 130 -4.73 11.44 -22.26
C LEU A 130 -4.97 10.53 -23.46
N VAL A 131 -4.34 9.37 -23.42
CA VAL A 131 -4.33 8.46 -24.57
C VAL A 131 -5.69 7.73 -24.67
N ASN A 132 -5.98 7.14 -25.84
CA ASN A 132 -7.29 6.53 -26.11
C ASN A 132 -7.83 5.72 -24.96
N GLY A 133 -9.11 5.92 -24.64
CA GLY A 133 -9.78 5.08 -23.65
C GLY A 133 -9.51 5.37 -22.19
N VAL A 134 -8.74 6.43 -21.91
CA VAL A 134 -8.56 6.88 -20.53
C VAL A 134 -9.91 7.24 -19.92
N GLY A 135 -10.14 6.85 -18.67
CA GLY A 135 -11.37 7.19 -17.97
C GLY A 135 -11.09 7.83 -16.63
N LEU A 136 -11.54 9.06 -16.46
CA LEU A 136 -11.38 9.76 -15.19
C LEU A 136 -12.75 9.95 -14.54
N ALA A 137 -12.98 9.21 -13.45
CA ALA A 137 -14.17 9.39 -12.63
C ALA A 137 -14.16 10.79 -12.02
N GLY A 138 -15.25 11.19 -11.39
CA GLY A 138 -15.36 12.55 -10.86
C GLY A 138 -14.23 12.99 -9.95
N HIS A 139 -14.02 14.29 -9.89
CA HIS A 139 -13.10 14.93 -8.93
C HIS A 139 -11.64 14.55 -9.09
N VAL A 140 -11.24 14.21 -10.31
CA VAL A 140 -9.87 13.81 -10.55
C VAL A 140 -9.04 15.02 -10.97
N HIS A 141 -7.86 15.17 -10.37
CA HIS A 141 -6.93 16.24 -10.73
C HIS A 141 -5.76 15.66 -11.52
N ILE A 142 -5.54 16.16 -12.73
CA ILE A 142 -4.36 15.76 -13.50
C ILE A 142 -3.47 16.99 -13.67
N ASP A 143 -2.24 16.91 -13.16
CA ASP A 143 -1.34 18.07 -13.18
C ASP A 143 -0.55 18.17 -14.49
N ASP A 144 0.12 19.29 -14.70
CA ASP A 144 0.73 19.63 -16.00
C ASP A 144 1.69 18.57 -16.50
N TYR A 145 1.69 18.37 -17.81
CA TYR A 145 2.63 17.47 -18.51
C TYR A 145 2.46 15.97 -18.24
N ALA A 146 1.50 15.59 -17.40
CA ALA A 146 1.25 14.15 -17.12
C ALA A 146 0.86 13.39 -18.40
N ILE A 147 1.30 12.14 -18.48
CA ILE A 147 0.88 11.24 -19.57
C ILE A 147 0.12 10.06 -18.96
N LEU A 148 -1.12 9.88 -19.38
CA LEU A 148 -1.89 8.70 -18.96
C LEU A 148 -2.09 7.89 -20.22
N SER A 149 -1.51 6.70 -20.24
CA SER A 149 -1.56 5.85 -21.45
C SER A 149 -2.94 5.23 -21.67
N SER A 150 -3.05 4.45 -22.74
CA SER A 150 -4.34 3.91 -23.16
C SER A 150 -5.03 3.10 -22.08
N ASN A 151 -6.33 3.30 -21.93
CA ASN A 151 -7.18 2.51 -21.02
C ASN A 151 -6.85 2.66 -19.54
N VAL A 152 -6.07 3.68 -19.21
CA VAL A 152 -5.80 3.99 -17.83
C VAL A 152 -7.12 4.41 -17.17
N GLY A 153 -7.37 3.90 -15.96
CA GLY A 153 -8.53 4.32 -15.19
C GLY A 153 -8.08 5.00 -13.91
N VAL A 154 -8.74 6.11 -13.56
CA VAL A 154 -8.43 6.81 -12.34
C VAL A 154 -9.70 6.92 -11.51
N HIS A 155 -9.67 6.40 -10.28
CA HIS A 155 -10.84 6.49 -9.40
C HIS A 155 -11.08 7.91 -8.89
N GLN A 156 -12.26 8.11 -8.33
CA GLN A 156 -12.74 9.39 -7.87
C GLN A 156 -11.80 10.01 -6.83
N PHE A 157 -11.62 11.34 -6.92
CA PHE A 157 -10.83 12.13 -5.98
C PHE A 157 -9.31 11.94 -6.03
N CYS A 158 -8.81 11.14 -6.97
CA CYS A 158 -7.36 10.92 -7.08
C CYS A 158 -6.65 12.04 -7.84
N ARG A 159 -5.35 12.19 -7.57
CA ARG A 159 -4.54 13.20 -8.20
C ARG A 159 -3.32 12.58 -8.86
N VAL A 160 -3.02 13.00 -10.08
CA VAL A 160 -1.78 12.61 -10.72
C VAL A 160 -0.85 13.82 -10.82
N GLY A 161 0.28 13.76 -10.13
CA GLY A 161 1.23 14.87 -10.07
C GLY A 161 1.91 15.20 -11.39
N LYS A 162 2.53 16.38 -11.45
CA LYS A 162 3.15 16.89 -12.67
C LYS A 162 4.17 15.93 -13.23
N HIS A 163 4.18 15.80 -14.56
CA HIS A 163 5.20 15.03 -15.29
C HIS A 163 5.17 13.53 -15.04
N ALA A 164 4.13 13.03 -14.39
CA ALA A 164 3.99 11.60 -14.17
C ALA A 164 3.70 10.89 -15.50
N PHE A 165 4.04 9.60 -15.56
CA PHE A 165 3.68 8.74 -16.68
C PHE A 165 2.98 7.51 -16.12
N ILE A 166 1.76 7.27 -16.59
CA ILE A 166 0.97 6.11 -16.17
C ILE A 166 0.88 5.17 -17.37
N ALA A 167 1.35 3.93 -17.19
CA ALA A 167 1.43 2.95 -18.27
C ALA A 167 0.08 2.35 -18.62
N HIS A 168 0.03 1.71 -19.78
CA HIS A 168 -1.17 1.10 -20.35
C HIS A 168 -2.02 0.31 -19.35
N ALA A 169 -3.30 0.68 -19.22
CA ALA A 169 -4.29 -0.05 -18.42
C ALA A 169 -4.05 -0.12 -16.90
N ALA A 170 -3.20 0.77 -16.40
CA ALA A 170 -3.02 0.89 -14.96
C ALA A 170 -4.28 1.48 -14.34
N LEU A 171 -4.62 1.02 -13.13
CA LEU A 171 -5.73 1.60 -12.40
C LEU A 171 -5.15 2.43 -11.27
N VAL A 172 -5.50 3.70 -11.25
CA VAL A 172 -4.99 4.62 -10.23
C VAL A 172 -6.06 4.82 -9.14
N GLY A 173 -5.76 4.31 -7.95
CA GLY A 173 -6.68 4.42 -6.83
C GLY A 173 -6.11 5.21 -5.66
N LYS A 174 -4.88 5.67 -5.81
CA LYS A 174 -4.25 6.54 -4.82
C LYS A 174 -3.56 7.69 -5.55
N ASP A 175 -3.18 8.74 -4.83
CA ASP A 175 -2.47 9.87 -5.42
C ASP A 175 -1.07 9.50 -5.91
N VAL A 176 -0.73 10.01 -7.09
CA VAL A 176 0.55 9.71 -7.71
C VAL A 176 1.47 10.94 -7.60
N PRO A 177 2.59 10.79 -6.87
CA PRO A 177 3.59 11.86 -6.76
C PRO A 177 4.09 12.29 -8.14
N PRO A 178 4.53 13.56 -8.27
CA PRO A 178 5.04 14.04 -9.55
C PRO A 178 6.26 13.27 -10.01
N TYR A 179 6.53 13.30 -11.31
CA TYR A 179 7.76 12.78 -11.93
C TYR A 179 7.85 11.25 -12.05
N LEU A 180 6.89 10.53 -11.48
CA LEU A 180 6.92 9.07 -11.40
C LEU A 180 6.54 8.34 -12.68
N MET A 181 7.11 7.16 -12.86
CA MET A 181 6.61 6.16 -13.79
C MET A 181 5.76 5.19 -12.99
N VAL A 182 4.59 4.88 -13.52
CA VAL A 182 3.66 3.98 -12.86
C VAL A 182 3.27 2.91 -13.86
N THR A 183 3.48 1.64 -13.51
CA THR A 183 3.08 0.52 -14.36
C THR A 183 1.85 -0.19 -13.79
N ALA A 184 1.18 -0.97 -14.64
CA ALA A 184 0.04 -1.74 -14.21
C ALA A 184 0.52 -2.91 -13.38
N VAL A 185 0.08 -2.98 -12.13
CA VAL A 185 0.30 -4.18 -11.33
C VAL A 185 -0.84 -5.13 -11.66
N ASN A 186 -1.13 -5.17 -12.96
CA ASN A 186 -2.16 -6.00 -13.56
C ASN A 186 -3.57 -5.51 -13.22
N ALA A 187 -3.99 -5.65 -11.95
CA ALA A 187 -5.12 -4.89 -11.41
C ALA A 187 -4.60 -3.95 -10.31
N GLY A 188 -4.61 -2.65 -10.60
CA GLY A 188 -3.96 -1.65 -9.75
C GLY A 188 -2.78 -0.97 -10.44
N SER A 189 -1.85 -0.45 -9.64
CA SER A 189 -0.66 0.26 -10.14
C SER A 189 0.48 0.30 -9.11
N THR A 190 1.72 0.34 -9.60
CA THR A 190 2.92 0.45 -8.74
C THR A 190 3.96 1.43 -9.29
N PRO A 191 4.74 2.08 -8.40
CA PRO A 191 5.86 2.91 -8.82
C PRO A 191 6.96 2.12 -9.51
N CYS A 192 7.51 2.69 -10.58
CA CYS A 192 8.49 2.00 -11.42
C CYS A 192 9.60 2.98 -11.81
N GLY A 193 10.14 3.69 -10.82
CA GLY A 193 11.19 4.67 -11.06
C GLY A 193 10.67 6.02 -11.50
N ILE A 194 11.56 6.82 -12.07
CA ILE A 194 11.27 8.20 -12.46
C ILE A 194 11.07 8.31 -13.98
N ASN A 195 10.19 9.23 -14.39
CA ASN A 195 9.93 9.52 -15.80
C ASN A 195 11.11 10.25 -16.46
N THR A 196 12.26 9.58 -16.51
CA THR A 196 13.51 10.20 -16.99
C THR A 196 13.45 10.67 -18.44
N GLU A 197 12.69 9.96 -19.28
CA GLU A 197 12.55 10.30 -20.71
C GLU A 197 11.78 11.60 -20.94
N GLY A 198 10.62 11.72 -20.28
CA GLY A 198 9.85 12.94 -20.34
C GLY A 198 10.62 14.12 -19.77
N LEU A 199 11.28 13.90 -18.64
CA LEU A 199 12.03 14.93 -17.93
C LEU A 199 13.22 15.48 -18.74
N LYS A 200 13.99 14.60 -19.36
CA LYS A 200 15.07 15.02 -20.27
C LYS A 200 14.53 15.87 -21.42
N ARG A 201 13.41 15.43 -22.01
CA ARG A 201 12.77 16.13 -23.13
C ARG A 201 12.25 17.52 -22.77
N ARG A 202 11.91 17.70 -21.50
CA ARG A 202 11.32 18.95 -21.04
C ARG A 202 12.38 19.90 -20.45
N GLY A 203 13.64 19.53 -20.55
CA GLY A 203 14.74 20.43 -20.19
C GLY A 203 15.21 20.36 -18.74
N PHE A 204 14.92 19.24 -18.07
CA PHE A 204 15.41 19.02 -16.72
C PHE A 204 16.90 18.70 -16.74
N THR A 205 17.62 19.24 -15.78
CA THR A 205 19.08 19.14 -15.74
C THR A 205 19.50 17.91 -14.93
N PRO A 206 20.74 17.42 -15.12
CA PRO A 206 21.26 16.34 -14.28
C PRO A 206 21.08 16.56 -12.77
N GLU A 207 21.36 17.78 -12.29
CA GLU A 207 21.21 18.12 -10.88
C GLU A 207 19.77 17.96 -10.38
N GLU A 208 18.82 18.41 -11.20
CA GLU A 208 17.39 18.32 -10.89
C GLU A 208 16.92 16.86 -10.85
N MET A 209 17.36 16.09 -11.83
CA MET A 209 16.99 14.69 -11.95
C MET A 209 17.59 13.83 -10.84
N LYS A 210 18.81 14.17 -10.44
CA LYS A 210 19.47 13.56 -9.28
C LYS A 210 18.64 13.76 -7.99
N LYS A 211 18.16 14.98 -7.77
CA LYS A 211 17.34 15.27 -6.58
C LYS A 211 15.97 14.57 -6.62
N ILE A 212 15.37 14.53 -7.80
CA ILE A 212 14.08 13.85 -7.98
C ILE A 212 14.19 12.34 -7.70
N LYS A 213 15.27 11.74 -8.17
CA LYS A 213 15.55 10.32 -7.94
C LYS A 213 15.84 10.03 -6.46
N GLU A 214 16.50 10.96 -5.79
CA GLU A 214 16.75 10.83 -4.36
C GLU A 214 15.44 10.87 -3.56
N VAL A 215 14.51 11.74 -3.95
CA VAL A 215 13.16 11.70 -3.37
C VAL A 215 12.46 10.34 -3.61
N TYR A 216 12.59 9.79 -4.82
CA TYR A 216 12.06 8.45 -5.10
C TYR A 216 12.59 7.41 -4.10
N LYS A 217 13.90 7.46 -3.85
CA LYS A 217 14.55 6.59 -2.86
C LYS A 217 13.99 6.79 -1.45
N VAL A 218 13.91 8.05 -1.02
CA VAL A 218 13.35 8.40 0.29
C VAL A 218 11.93 7.81 0.46
N LEU A 219 11.10 7.98 -0.58
CA LEU A 219 9.75 7.45 -0.58
C LEU A 219 9.68 5.93 -0.57
N TYR A 220 10.50 5.28 -1.40
CA TYR A 220 10.24 3.88 -1.73
C TYR A 220 11.37 2.89 -1.50
N ARG A 221 12.55 3.35 -1.06
CA ARG A 221 13.71 2.46 -1.00
C ARG A 221 14.55 2.49 0.30
N LYS A 222 14.20 3.37 1.23
CA LYS A 222 14.99 3.54 2.46
C LYS A 222 14.34 2.95 3.72
N GLY A 223 13.19 2.28 3.55
CA GLY A 223 12.50 1.62 4.65
C GLY A 223 11.80 2.57 5.60
N LEU A 224 11.52 3.79 5.11
CA LEU A 224 10.90 4.83 5.92
C LEU A 224 9.38 4.81 5.81
N MET A 225 8.72 5.16 6.91
CA MET A 225 7.28 5.37 6.89
C MET A 225 6.99 6.75 6.32
N MET A 226 5.74 6.94 5.87
CA MET A 226 5.34 8.15 5.15
C MET A 226 5.57 9.45 5.92
N LYS A 227 5.30 9.42 7.22
CA LYS A 227 5.55 10.58 8.09
C LYS A 227 7.03 10.98 8.06
N GLU A 228 7.91 10.00 8.22
CA GLU A 228 9.37 10.22 8.24
C GLU A 228 9.90 10.67 6.87
N ALA A 229 9.41 10.02 5.81
CA ALA A 229 9.77 10.37 4.44
C ALA A 229 9.33 11.79 4.08
N PHE A 230 8.10 12.14 4.42
CA PHE A 230 7.57 13.48 4.09
C PHE A 230 8.39 14.60 4.76
N GLU A 231 8.82 14.36 5.99
CA GLU A 231 9.63 15.32 6.75
C GLU A 231 10.98 15.58 6.09
N ILE A 232 11.61 14.50 5.60
CA ILE A 232 12.86 14.57 4.85
C ILE A 232 12.66 15.30 3.51
N ILE A 233 11.59 14.96 2.81
CA ILE A 233 11.26 15.59 1.53
C ILE A 233 11.06 17.10 1.69
N LYS A 234 10.32 17.51 2.72
CA LYS A 234 10.11 18.94 3.00
C LYS A 234 11.42 19.71 3.18
N GLU A 235 12.37 19.13 3.93
CA GLU A 235 13.69 19.74 4.11
C GLU A 235 14.46 19.82 2.79
N MET A 236 14.42 18.75 1.99
CA MET A 236 15.04 18.71 0.67
C MET A 236 14.51 19.82 -0.25
N ALA A 237 13.19 20.05 -0.18
CA ALA A 237 12.51 21.02 -1.04
C ALA A 237 12.93 22.47 -0.78
N LYS A 238 13.42 22.76 0.42
CA LYS A 238 13.91 24.10 0.77
C LYS A 238 15.09 24.48 -0.12
N GLU A 239 16.07 23.58 -0.20
CA GLU A 239 17.27 23.79 -1.01
C GLU A 239 16.99 23.68 -2.51
N ASP A 240 16.18 22.69 -2.89
CA ASP A 240 15.89 22.41 -4.30
C ASP A 240 14.40 22.53 -4.62
N LYS A 241 14.02 23.66 -5.22
CA LYS A 241 12.62 23.99 -5.50
C LYS A 241 11.92 23.13 -6.56
N VAL A 242 12.70 22.37 -7.35
CA VAL A 242 12.12 21.42 -8.29
C VAL A 242 11.35 20.29 -7.56
N LEU A 243 11.55 20.19 -6.25
CA LEU A 243 10.90 19.18 -5.41
C LEU A 243 9.59 19.66 -4.77
N GLU A 244 9.31 20.96 -4.88
CA GLU A 244 8.08 21.54 -4.32
C GLU A 244 6.79 20.78 -4.70
N PRO A 245 6.64 20.33 -5.97
CA PRO A 245 5.45 19.54 -6.31
C PRO A 245 5.24 18.28 -5.48
N PHE A 246 6.32 17.68 -4.95
CA PHE A 246 6.21 16.57 -4.00
C PHE A 246 5.48 17.01 -2.73
N VAL A 247 5.83 18.19 -2.23
CA VAL A 247 5.23 18.75 -1.01
C VAL A 247 3.74 19.02 -1.20
N ASP A 248 3.40 19.55 -2.37
CA ASP A 248 2.01 19.81 -2.77
C ASP A 248 1.16 18.54 -2.77
N VAL A 249 1.54 17.56 -3.59
CA VAL A 249 0.75 16.33 -3.75
C VAL A 249 0.65 15.51 -2.46
N ILE A 250 1.79 15.29 -1.78
CA ILE A 250 1.78 14.52 -0.53
C ILE A 250 1.06 15.26 0.59
N GLY A 251 1.35 16.55 0.74
CA GLY A 251 0.77 17.35 1.82
C GLY A 251 -0.74 17.49 1.79
N THR A 252 -1.30 17.57 0.58
CA THR A 252 -2.73 17.82 0.40
C THR A 252 -3.52 16.57 -0.03
N SER A 253 -2.94 15.38 0.16
CA SER A 253 -3.56 14.14 -0.30
C SER A 253 -4.93 13.88 0.33
N ARG A 254 -5.90 13.53 -0.51
CA ARG A 254 -7.23 13.13 -0.08
C ARG A 254 -7.30 11.60 0.10
N ARG A 255 -6.65 10.87 -0.81
CA ARG A 255 -6.81 9.42 -0.92
C ARG A 255 -5.58 8.60 -0.50
N GLY A 256 -4.59 9.26 0.10
CA GLY A 256 -3.33 8.62 0.42
C GLY A 256 -2.41 8.57 -0.79
N ILE A 257 -1.14 8.28 -0.55
CA ILE A 257 -0.11 8.27 -1.59
C ILE A 257 0.10 6.85 -2.11
N LEU A 258 0.27 6.72 -3.43
CA LEU A 258 0.64 5.47 -4.05
C LEU A 258 1.89 4.90 -3.40
N ARG A 259 1.83 3.63 -2.98
CA ARG A 259 2.97 2.96 -2.36
C ARG A 259 3.47 1.81 -3.23
N ASP A 260 4.69 1.35 -2.92
CA ASP A 260 5.16 0.04 -3.36
C ASP A 260 4.96 -0.90 -2.18
N PRO A 261 3.96 -1.81 -2.28
CA PRO A 261 3.64 -2.70 -1.16
C PRO A 261 4.74 -3.73 -0.91
N ASN A 262 5.62 -3.92 -1.90
CA ASN A 262 6.72 -4.88 -1.81
C ASN A 262 8.12 -4.24 -1.71
N SER A 263 8.17 -3.01 -1.18
CA SER A 263 9.44 -2.30 -0.99
C SER A 263 10.40 -3.00 -0.03
N SER A 264 9.84 -3.67 0.98
CA SER A 264 10.66 -4.39 1.96
C SER A 264 11.51 -5.49 1.34
N SER A 265 11.19 -5.88 0.10
CA SER A 265 11.96 -6.89 -0.61
C SER A 265 13.21 -6.33 -1.29
N VAL A 266 13.25 -5.00 -1.46
CA VAL A 266 14.30 -4.35 -2.25
C VAL A 266 14.85 -3.07 -1.61
N ASP A 267 14.50 -2.81 -0.35
CA ASP A 267 14.94 -1.61 0.33
C ASP A 267 16.35 -1.77 0.90
N LYS A 268 16.85 -0.70 1.53
CA LYS A 268 18.21 -0.62 2.06
C LYS A 268 18.56 -1.82 2.93
N LEU A 269 17.65 -2.14 3.84
CA LEU A 269 17.82 -3.22 4.80
C LEU A 269 17.90 -4.60 4.14
N ALA A 270 17.26 -4.75 2.97
CA ALA A 270 17.28 -6.02 2.24
C ALA A 270 18.57 -6.18 1.44
N ALA A 271 19.11 -5.06 0.99
CA ALA A 271 20.26 -5.04 0.07
C ALA A 271 21.62 -4.78 0.74
N ALA A 272 21.58 -4.42 2.02
CA ALA A 272 22.80 -4.17 2.80
C ALA A 272 23.14 -5.37 3.68
N LEU A 273 24.05 -6.22 3.19
CA LEU A 273 24.43 -7.43 3.92
C LEU A 273 25.94 -7.48 4.19
N GLU A 274 26.59 -6.33 4.05
CA GLU A 274 28.02 -6.16 4.25
C GLU A 274 28.28 -4.83 4.96
N HIS A 275 29.47 -4.69 5.56
CA HIS A 275 29.93 -3.39 6.07
C HIS A 275 30.32 -2.46 4.91
N HIS A 276 30.86 -1.29 5.27
CA HIS A 276 31.32 -0.25 4.32
C HIS A 276 30.13 0.38 3.60
N MET B 1 16.03 -39.02 31.80
CA MET B 1 17.48 -39.03 32.12
C MET B 1 18.33 -38.69 30.90
N ILE B 2 19.57 -38.25 31.14
CA ILE B 2 20.51 -37.89 30.08
C ILE B 2 21.11 -39.16 29.45
N HIS B 3 20.96 -39.30 28.13
CA HIS B 3 21.50 -40.45 27.40
C HIS B 3 23.02 -40.42 27.44
N SER B 4 23.64 -41.59 27.60
CA SER B 4 25.10 -41.71 27.65
C SER B 4 25.79 -41.25 26.36
N LEU B 5 25.04 -41.22 25.26
CA LEU B 5 25.57 -40.80 23.96
C LEU B 5 25.30 -39.33 23.61
N ALA B 6 24.83 -38.55 24.59
CA ALA B 6 24.68 -37.11 24.45
C ALA B 6 25.92 -36.36 24.94
N VAL B 7 26.20 -35.20 24.35
CA VAL B 7 27.30 -34.34 24.78
C VAL B 7 26.73 -33.15 25.54
N VAL B 8 26.93 -33.15 26.85
CA VAL B 8 26.42 -32.09 27.71
C VAL B 8 27.57 -31.41 28.45
N HIS B 9 27.70 -30.10 28.27
CA HIS B 9 28.71 -29.34 28.99
C HIS B 9 28.37 -29.35 30.48
N GLU B 10 29.40 -29.49 31.31
CA GLU B 10 29.21 -29.65 32.77
C GLU B 10 28.63 -28.40 33.47
N SER B 11 28.65 -27.27 32.77
CA SER B 11 28.09 -26.03 33.30
C SER B 11 26.57 -25.93 33.12
N ALA B 12 25.99 -26.84 32.34
CA ALA B 12 24.56 -26.82 32.06
C ALA B 12 23.74 -27.32 33.25
N LYS B 13 22.59 -26.70 33.48
CA LYS B 13 21.68 -27.10 34.56
C LYS B 13 20.46 -27.76 33.95
N ILE B 14 20.37 -29.08 34.09
CA ILE B 14 19.29 -29.85 33.50
C ILE B 14 18.49 -30.58 34.58
N ALA B 15 17.19 -30.31 34.64
CA ALA B 15 16.30 -30.96 35.61
C ALA B 15 16.33 -32.48 35.50
N ASP B 16 16.04 -33.16 36.61
CA ASP B 16 16.13 -34.61 36.69
C ASP B 16 15.13 -35.32 35.78
N SER B 17 13.96 -34.71 35.61
CA SER B 17 12.88 -35.28 34.83
C SER B 17 13.03 -35.04 33.32
N ALA B 18 13.93 -34.15 32.94
CA ALA B 18 14.19 -33.84 31.53
C ALA B 18 14.86 -35.01 30.82
N ILE B 19 14.44 -35.26 29.57
CA ILE B 19 15.02 -36.31 28.75
C ILE B 19 15.92 -35.71 27.66
N ILE B 20 17.20 -36.05 27.74
CA ILE B 20 18.16 -35.66 26.71
C ILE B 20 18.49 -36.92 25.90
N GLY B 21 18.01 -36.93 24.65
CA GLY B 21 18.21 -38.08 23.77
C GLY B 21 19.63 -38.23 23.24
N PRO B 22 19.89 -39.33 22.53
CA PRO B 22 21.22 -39.62 21.98
C PRO B 22 21.66 -38.62 20.91
N PHE B 23 22.95 -38.31 20.92
CA PHE B 23 23.59 -37.42 19.95
C PHE B 23 23.12 -35.96 20.01
N CYS B 24 22.59 -35.56 21.17
CA CYS B 24 22.35 -34.15 21.43
C CYS B 24 23.65 -33.48 21.83
N VAL B 25 23.74 -32.17 21.55
CA VAL B 25 24.89 -31.37 21.95
C VAL B 25 24.36 -30.16 22.71
N ILE B 26 24.69 -30.09 23.99
CA ILE B 26 24.20 -29.04 24.89
C ILE B 26 25.37 -28.15 25.29
N GLY B 27 25.27 -26.86 24.95
CA GLY B 27 26.38 -25.93 25.15
C GLY B 27 26.51 -25.42 26.56
N LYS B 28 27.26 -24.33 26.71
CA LYS B 28 27.63 -23.80 28.02
C LYS B 28 26.48 -23.01 28.65
N ASN B 29 26.34 -23.16 29.96
CA ASN B 29 25.41 -22.36 30.76
C ASN B 29 23.93 -22.49 30.39
N VAL B 30 23.60 -23.59 29.70
CA VAL B 30 22.24 -23.89 29.30
C VAL B 30 21.40 -24.29 30.52
N VAL B 31 20.15 -23.85 30.53
CA VAL B 31 19.16 -24.24 31.52
C VAL B 31 18.00 -24.96 30.80
N ILE B 32 17.71 -26.19 31.23
CA ILE B 32 16.60 -26.97 30.67
C ILE B 32 15.67 -27.44 31.79
N GLY B 33 14.39 -27.11 31.66
CA GLY B 33 13.41 -27.29 32.72
C GLY B 33 12.79 -28.67 32.81
N GLU B 34 11.89 -28.81 33.78
CA GLU B 34 11.27 -30.08 34.16
C GLU B 34 10.45 -30.69 33.01
N ASN B 35 10.62 -31.99 32.80
CA ASN B 35 9.84 -32.77 31.82
C ASN B 35 9.97 -32.33 30.35
N THR B 36 11.04 -31.59 30.04
CA THR B 36 11.34 -31.25 28.65
C THR B 36 12.08 -32.42 28.00
N GLU B 37 11.69 -32.74 26.77
CA GLU B 37 12.32 -33.83 26.03
C GLU B 37 12.99 -33.34 24.75
N LEU B 38 14.29 -33.61 24.65
CA LEU B 38 15.05 -33.43 23.42
C LEU B 38 15.22 -34.82 22.83
N LYS B 39 14.56 -35.07 21.70
CA LYS B 39 14.44 -36.45 21.20
C LYS B 39 15.77 -37.11 20.82
N SER B 40 16.47 -36.54 19.86
CA SER B 40 17.83 -36.96 19.49
C SER B 40 18.36 -35.94 18.50
N HIS B 41 19.69 -35.88 18.33
CA HIS B 41 20.32 -35.01 17.33
C HIS B 41 20.00 -33.52 17.48
N VAL B 42 19.64 -33.11 18.69
CA VAL B 42 19.30 -31.71 18.96
C VAL B 42 20.54 -30.92 19.38
N THR B 43 20.67 -29.70 18.86
CA THR B 43 21.77 -28.82 19.22
C THR B 43 21.24 -27.60 19.99
N ILE B 44 21.75 -27.43 21.21
CA ILE B 44 21.38 -26.30 22.07
C ILE B 44 22.59 -25.40 22.31
N GLY B 45 22.53 -24.17 21.82
CA GLY B 45 23.65 -23.24 21.90
C GLY B 45 23.85 -22.68 23.27
N ASP B 46 25.02 -22.07 23.49
CA ASP B 46 25.38 -21.48 24.78
C ASP B 46 24.33 -20.48 25.27
N ASN B 47 24.08 -20.48 26.59
CA ASN B 47 23.22 -19.50 27.27
C ASN B 47 21.71 -19.68 27.07
N ALA B 48 21.30 -20.75 26.39
CA ALA B 48 19.89 -20.97 26.09
C ALA B 48 19.10 -21.33 27.35
N VAL B 49 17.92 -20.75 27.47
CA VAL B 49 17.02 -21.07 28.58
C VAL B 49 15.78 -21.74 28.03
N ILE B 50 15.51 -22.96 28.49
CA ILE B 50 14.35 -23.71 28.02
C ILE B 50 13.46 -24.11 29.19
N GLY B 51 12.18 -23.75 29.10
CA GLY B 51 11.21 -24.02 30.15
C GLY B 51 10.79 -25.47 30.28
N LYS B 52 9.60 -25.68 30.83
CA LYS B 52 9.14 -27.03 31.14
C LYS B 52 8.15 -27.58 30.10
N ASN B 53 8.09 -28.90 30.01
CA ASN B 53 7.10 -29.60 29.19
C ASN B 53 7.23 -29.34 27.68
N ASN B 54 8.44 -28.99 27.25
CA ASN B 54 8.73 -28.80 25.85
C ASN B 54 9.11 -30.12 25.19
N ARG B 55 8.81 -30.22 23.90
CA ARG B 55 9.23 -31.39 23.13
C ARG B 55 9.92 -30.91 21.88
N ILE B 56 11.21 -31.23 21.79
CA ILE B 56 12.06 -30.77 20.70
C ILE B 56 12.57 -31.96 19.90
N PHE B 57 12.30 -31.93 18.58
CA PHE B 57 12.58 -33.05 17.68
C PHE B 57 13.98 -32.98 17.09
N GLN B 58 14.39 -34.08 16.47
CA GLN B 58 15.70 -34.23 15.84
C GLN B 58 16.05 -33.14 14.82
N TYR B 59 17.33 -32.77 14.81
CA TYR B 59 17.92 -31.79 13.89
C TYR B 59 17.44 -30.35 14.12
N ALA B 60 16.73 -30.12 15.23
CA ALA B 60 16.42 -28.76 15.67
C ALA B 60 17.67 -28.10 16.24
N SER B 61 17.93 -26.88 15.79
CA SER B 61 19.06 -26.08 16.22
C SER B 61 18.53 -24.89 17.00
N ILE B 62 18.90 -24.78 18.27
CA ILE B 62 18.32 -23.76 19.14
C ILE B 62 19.36 -22.96 19.89
N GLY B 63 19.40 -21.67 19.61
CA GLY B 63 20.21 -20.73 20.38
C GLY B 63 21.60 -20.47 19.85
N ASP B 64 21.86 -20.91 18.62
CA ASP B 64 23.16 -20.69 17.98
C ASP B 64 23.28 -19.27 17.40
N ASP B 65 24.47 -18.96 16.87
CA ASP B 65 24.78 -17.62 16.37
C ASP B 65 23.70 -17.05 15.47
N PRO B 66 23.44 -15.74 15.59
CA PRO B 66 22.56 -15.05 14.65
C PRO B 66 23.20 -15.03 13.27
N ILE B 67 22.39 -14.93 12.22
CA ILE B 67 22.91 -14.63 10.90
C ILE B 67 22.75 -13.14 10.71
N ASP B 68 23.82 -12.42 11.01
CA ASP B 68 23.84 -10.97 11.03
C ASP B 68 25.29 -10.56 10.93
N TYR B 69 25.62 -9.78 9.90
CA TYR B 69 27.00 -9.36 9.66
C TYR B 69 27.55 -8.45 10.77
N THR B 70 26.64 -7.87 11.57
CA THR B 70 27.03 -7.01 12.68
C THR B 70 27.39 -7.82 13.94
N TYR B 71 27.02 -9.11 13.96
CA TYR B 71 27.37 -9.99 15.07
C TYR B 71 28.83 -10.40 14.98
N LYS B 72 29.53 -10.35 16.10
CA LYS B 72 30.87 -10.89 16.18
C LYS B 72 30.97 -11.96 17.26
N LYS B 73 31.83 -12.94 17.05
CA LYS B 73 32.07 -13.98 18.05
C LYS B 73 32.48 -13.33 19.37
N GLY B 74 31.84 -13.77 20.45
CA GLY B 74 32.05 -13.18 21.76
C GLY B 74 30.85 -12.37 22.24
N ASP B 75 30.07 -11.84 21.30
CA ASP B 75 28.85 -11.13 21.64
C ASP B 75 27.91 -12.08 22.36
N PHE B 76 27.39 -11.66 23.51
CA PHE B 76 26.40 -12.44 24.23
C PHE B 76 25.18 -12.59 23.33
N SER B 77 24.70 -13.82 23.19
CA SER B 77 23.57 -14.15 22.35
C SER B 77 22.79 -15.29 23.01
N GLN B 78 21.48 -15.12 23.12
CA GLN B 78 20.66 -16.05 23.89
C GLN B 78 19.26 -16.29 23.27
N VAL B 79 18.78 -17.52 23.41
CA VAL B 79 17.38 -17.86 23.14
C VAL B 79 16.68 -18.21 24.46
N VAL B 80 15.52 -17.61 24.70
CA VAL B 80 14.70 -17.97 25.86
C VAL B 80 13.41 -18.59 25.35
N ILE B 81 13.13 -19.82 25.78
CA ILE B 81 11.92 -20.53 25.39
C ILE B 81 11.09 -20.86 26.63
N GLY B 82 9.79 -20.59 26.58
CA GLY B 82 8.88 -20.85 27.70
C GLY B 82 8.46 -22.32 27.80
N ASP B 83 7.18 -22.55 28.04
CA ASP B 83 6.68 -23.87 28.41
C ASP B 83 5.74 -24.48 27.39
N ASN B 84 5.68 -25.81 27.38
CA ASN B 84 4.66 -26.56 26.63
C ASN B 84 4.72 -26.38 25.10
N ASN B 85 5.92 -26.10 24.58
CA ASN B 85 6.10 -25.90 23.14
C ASN B 85 6.45 -27.18 22.40
N ILE B 86 6.13 -27.22 21.11
CA ILE B 86 6.59 -28.30 20.24
C ILE B 86 7.42 -27.68 19.13
N ILE B 87 8.66 -28.12 19.03
CA ILE B 87 9.58 -27.66 17.98
C ILE B 87 10.01 -28.86 17.14
N ARG B 88 9.64 -28.82 15.87
CA ARG B 88 9.77 -29.97 14.99
C ARG B 88 11.11 -30.06 14.27
N GLU B 89 11.27 -31.07 13.42
CA GLU B 89 12.54 -31.41 12.79
C GLU B 89 13.13 -30.25 11.99
N CYS B 90 14.45 -30.08 12.10
CA CYS B 90 15.22 -29.13 11.30
C CYS B 90 14.84 -27.65 11.53
N ALA B 91 14.13 -27.37 12.62
CA ALA B 91 13.83 -25.98 12.97
C ALA B 91 15.11 -25.26 13.42
N THR B 92 15.20 -23.96 13.14
CA THR B 92 16.36 -23.16 13.54
C THR B 92 15.89 -21.90 14.25
N ILE B 93 16.33 -21.72 15.48
CA ILE B 93 15.97 -20.55 16.27
C ILE B 93 17.26 -19.94 16.77
N HIS B 94 17.58 -18.74 16.29
CA HIS B 94 18.87 -18.12 16.58
C HIS B 94 18.79 -17.18 17.75
N GLY B 95 19.90 -17.04 18.50
CA GLY B 95 19.98 -16.08 19.59
C GLY B 95 19.90 -14.66 19.08
N GLY B 96 19.79 -13.69 20.00
CA GLY B 96 19.68 -12.28 19.63
C GLY B 96 21.02 -11.59 19.39
N THR B 97 20.97 -10.29 19.13
CA THR B 97 22.17 -9.51 18.82
C THR B 97 22.44 -8.38 19.81
N ALA B 98 23.70 -7.93 19.85
CA ALA B 98 24.15 -6.90 20.79
C ALA B 98 23.49 -5.55 20.58
N LYS B 99 22.98 -5.31 19.37
CA LYS B 99 22.34 -4.04 19.02
C LYS B 99 20.97 -3.85 19.68
N GLU B 100 20.29 -4.96 19.98
CA GLU B 100 19.08 -4.91 20.80
C GLU B 100 19.47 -5.24 22.24
N ILE B 101 19.21 -6.48 22.67
CA ILE B 101 19.60 -6.92 24.02
C ILE B 101 20.16 -8.36 24.04
N GLY B 102 20.38 -8.91 22.85
CA GLY B 102 20.96 -10.26 22.72
C GLY B 102 20.00 -11.41 22.94
N VAL B 103 18.68 -11.15 22.89
CA VAL B 103 17.69 -12.18 23.20
C VAL B 103 16.64 -12.39 22.09
N THR B 104 16.47 -13.65 21.70
CA THR B 104 15.31 -14.11 20.93
C THR B 104 14.43 -14.85 21.92
N SER B 105 13.15 -14.49 21.98
CA SER B 105 12.27 -15.14 22.94
C SER B 105 11.06 -15.81 22.31
N VAL B 106 10.70 -16.94 22.91
CA VAL B 106 9.53 -17.72 22.52
C VAL B 106 8.71 -17.99 23.79
N GLY B 107 7.41 -17.75 23.71
CA GLY B 107 6.52 -17.92 24.86
C GLY B 107 6.15 -19.37 25.11
N ASN B 108 4.86 -19.60 25.36
CA ASN B 108 4.33 -20.90 25.79
C ASN B 108 3.36 -21.48 24.79
N ASN B 109 3.23 -22.81 24.78
CA ASN B 109 2.19 -23.50 24.00
C ASN B 109 2.21 -23.27 22.51
N ASN B 110 3.40 -23.13 21.93
CA ASN B 110 3.54 -22.91 20.49
C ASN B 110 3.80 -24.19 19.73
N ILE B 111 3.36 -24.23 18.48
CA ILE B 111 3.69 -25.33 17.59
C ILE B 111 4.54 -24.75 16.48
N ILE B 112 5.83 -25.06 16.54
CA ILE B 112 6.81 -24.59 15.57
C ILE B 112 7.17 -25.81 14.74
N MET B 113 6.72 -25.82 13.48
CA MET B 113 6.77 -27.03 12.64
C MET B 113 8.08 -27.17 11.88
N CYS B 114 8.15 -28.14 10.96
CA CYS B 114 9.42 -28.50 10.30
C CYS B 114 10.03 -27.36 9.48
N TYR B 115 11.36 -27.27 9.49
CA TYR B 115 12.12 -26.28 8.71
C TYR B 115 11.79 -24.82 9.04
N VAL B 116 11.14 -24.58 10.17
CA VAL B 116 10.78 -23.20 10.54
C VAL B 116 12.04 -22.48 11.01
N HIS B 117 12.20 -21.25 10.55
CA HIS B 117 13.32 -20.42 10.96
C HIS B 117 12.86 -19.18 11.71
N ILE B 118 13.40 -19.01 12.91
CA ILE B 118 13.12 -17.85 13.75
C ILE B 118 14.45 -17.12 13.95
N GLY B 119 14.61 -15.99 13.26
CA GLY B 119 15.90 -15.30 13.22
C GLY B 119 16.21 -14.49 14.48
N HIS B 120 17.41 -13.89 14.50
CA HIS B 120 17.86 -13.12 15.65
C HIS B 120 16.86 -12.05 16.10
N ASP B 121 16.66 -11.97 17.42
CA ASP B 121 15.89 -10.89 18.07
C ASP B 121 14.38 -10.94 17.89
N CYS B 122 13.88 -12.06 17.36
CA CYS B 122 12.43 -12.26 17.26
C CYS B 122 11.79 -12.35 18.64
N LYS B 123 10.54 -11.93 18.72
CA LYS B 123 9.72 -12.13 19.91
C LYS B 123 8.48 -12.89 19.50
N ILE B 124 8.39 -14.13 19.95
CA ILE B 124 7.29 -15.02 19.62
C ILE B 124 6.45 -15.21 20.88
N GLY B 125 5.15 -14.97 20.78
CA GLY B 125 4.26 -15.02 21.93
C GLY B 125 3.87 -16.43 22.28
N SER B 126 2.57 -16.63 22.52
CA SER B 126 2.05 -17.91 23.01
C SER B 126 0.92 -18.43 22.14
N TYR B 127 0.74 -19.76 22.11
CA TYR B 127 -0.37 -20.40 21.38
C TYR B 127 -0.34 -20.18 19.85
N ILE B 128 0.87 -20.02 19.31
CA ILE B 128 1.10 -19.72 17.90
C ILE B 128 1.39 -21.00 17.09
N ASN B 129 0.87 -21.05 15.86
CA ASN B 129 1.27 -22.06 14.89
C ASN B 129 2.14 -21.46 13.79
N LEU B 130 3.38 -21.93 13.69
CA LEU B 130 4.24 -21.60 12.55
C LEU B 130 4.36 -22.89 11.76
N VAL B 131 3.71 -22.93 10.62
CA VAL B 131 3.60 -24.14 9.80
C VAL B 131 4.91 -24.35 9.01
N ASN B 132 5.12 -25.55 8.48
CA ASN B 132 6.35 -25.91 7.77
C ASN B 132 6.89 -24.81 6.85
N GLY B 133 8.18 -24.50 7.00
CA GLY B 133 8.88 -23.61 6.07
C GLY B 133 8.72 -22.13 6.30
N VAL B 134 7.97 -21.76 7.35
CA VAL B 134 7.83 -20.36 7.75
C VAL B 134 9.22 -19.80 8.04
N GLY B 135 9.47 -18.57 7.59
CA GLY B 135 10.77 -17.92 7.78
C GLY B 135 10.62 -16.52 8.32
N LEU B 136 11.17 -16.29 9.51
CA LEU B 136 11.15 -14.97 10.16
C LEU B 136 12.58 -14.42 10.19
N ALA B 137 12.81 -13.36 9.41
CA ALA B 137 14.15 -12.82 9.17
C ALA B 137 14.94 -12.41 10.43
N GLY B 138 14.33 -11.58 11.26
CA GLY B 138 15.00 -11.03 12.43
C GLY B 138 14.17 -9.88 12.94
N HIS B 139 14.19 -9.65 14.26
CA HIS B 139 13.41 -8.58 14.90
C HIS B 139 11.91 -8.68 14.59
N VAL B 140 11.44 -9.88 14.31
CA VAL B 140 10.05 -10.08 13.97
C VAL B 140 9.27 -10.39 15.24
N HIS B 141 8.12 -9.74 15.40
CA HIS B 141 7.25 -9.95 16.55
C HIS B 141 5.98 -10.66 16.11
N ILE B 142 5.76 -11.87 16.63
CA ILE B 142 4.54 -12.61 16.35
C ILE B 142 3.73 -12.70 17.64
N ASP B 143 2.54 -12.14 17.62
CA ASP B 143 1.70 -12.04 18.82
C ASP B 143 0.81 -13.27 19.03
N ASP B 144 0.20 -13.38 20.22
CA ASP B 144 -0.51 -14.59 20.65
C ASP B 144 -1.56 -15.09 19.65
N TYR B 145 -1.68 -16.42 19.57
CA TYR B 145 -2.71 -17.10 18.75
C TYR B 145 -2.60 -16.95 17.22
N ALA B 146 -1.59 -16.22 16.74
CA ALA B 146 -1.38 -16.04 15.31
C ALA B 146 -1.08 -17.38 14.61
N ILE B 147 -1.55 -17.50 13.38
CA ILE B 147 -1.20 -18.64 12.52
C ILE B 147 -0.47 -18.14 11.28
N LEU B 148 0.77 -18.60 11.12
CA LEU B 148 1.49 -18.40 9.86
C LEU B 148 1.54 -19.74 9.11
N SER B 149 0.92 -19.77 7.93
CA SER B 149 0.84 -21.01 7.14
C SER B 149 2.15 -21.33 6.44
N SER B 150 2.19 -22.45 5.74
CA SER B 150 3.43 -22.96 5.18
C SER B 150 4.10 -21.95 4.27
N ASN B 151 5.43 -21.90 4.37
CA ASN B 151 6.28 -21.07 3.51
C ASN B 151 6.03 -19.58 3.56
N VAL B 152 5.37 -19.11 4.61
CA VAL B 152 5.19 -17.68 4.84
C VAL B 152 6.55 -17.07 5.17
N GLY B 153 6.84 -15.93 4.55
CA GLY B 153 8.06 -15.18 4.87
C GLY B 153 7.69 -13.87 5.53
N VAL B 154 8.43 -13.52 6.58
CA VAL B 154 8.26 -12.22 7.23
C VAL B 154 9.59 -11.48 7.25
N HIS B 155 9.61 -10.26 6.72
CA HIS B 155 10.82 -9.47 6.67
C HIS B 155 11.14 -8.82 8.01
N GLN B 156 12.41 -8.43 8.15
CA GLN B 156 12.93 -7.81 9.36
C GLN B 156 12.04 -6.69 9.88
N PHE B 157 11.83 -6.67 11.20
CA PHE B 157 11.10 -5.61 11.90
C PHE B 157 9.57 -5.61 11.78
N CYS B 158 9.02 -6.63 11.12
CA CYS B 158 7.56 -6.70 10.96
C CYS B 158 6.89 -7.28 12.20
N ARG B 159 5.62 -6.92 12.40
CA ARG B 159 4.83 -7.45 13.49
C ARG B 159 3.54 -8.07 12.97
N VAL B 160 3.21 -9.25 13.46
CA VAL B 160 1.93 -9.86 13.16
C VAL B 160 1.09 -9.83 14.44
N GLY B 161 -0.09 -9.19 14.38
CA GLY B 161 -0.95 -9.01 15.55
C GLY B 161 -1.65 -10.27 16.04
N LYS B 162 -2.21 -10.20 17.24
CA LYS B 162 -2.90 -11.33 17.88
C LYS B 162 -3.99 -11.92 16.99
N HIS B 163 -4.07 -13.25 16.95
CA HIS B 163 -5.14 -13.96 16.22
C HIS B 163 -5.16 -13.74 14.70
N ALA B 164 -4.08 -13.22 14.12
CA ALA B 164 -4.01 -13.09 12.67
C ALA B 164 -3.85 -14.47 12.03
N PHE B 165 -4.25 -14.58 10.76
CA PHE B 165 -4.02 -15.80 9.98
C PHE B 165 -3.36 -15.40 8.66
N ILE B 166 -2.15 -15.89 8.43
CA ILE B 166 -1.43 -15.60 7.19
C ILE B 166 -1.45 -16.85 6.32
N ALA B 167 -1.97 -16.73 5.11
CA ALA B 167 -2.15 -17.88 4.22
C ALA B 167 -0.85 -18.33 3.52
N HIS B 168 -0.90 -19.54 2.95
CA HIS B 168 0.25 -20.20 2.35
C HIS B 168 1.09 -19.29 1.48
N ALA B 169 2.39 -19.26 1.74
CA ALA B 169 3.38 -18.56 0.90
C ALA B 169 3.23 -17.05 0.80
N ALA B 170 2.44 -16.42 1.67
CA ALA B 170 2.31 -14.97 1.65
C ALA B 170 3.64 -14.37 2.10
N LEU B 171 3.96 -13.17 1.61
CA LEU B 171 5.14 -12.46 2.09
C LEU B 171 4.70 -11.23 2.87
N VAL B 172 5.12 -11.17 4.12
CA VAL B 172 4.75 -10.08 5.01
C VAL B 172 5.90 -9.08 5.06
N GLY B 173 5.66 -7.90 4.50
CA GLY B 173 6.64 -6.81 4.50
C GLY B 173 6.16 -5.57 5.24
N LYS B 174 4.94 -5.63 5.77
CA LYS B 174 4.40 -4.55 6.61
C LYS B 174 3.75 -5.18 7.84
N ASP B 175 3.36 -4.35 8.80
CA ASP B 175 2.75 -4.85 10.04
C ASP B 175 1.31 -5.28 9.80
N VAL B 176 0.95 -6.42 10.38
CA VAL B 176 -0.40 -6.98 10.23
C VAL B 176 -1.22 -6.73 11.50
N PRO B 177 -2.32 -5.96 11.37
CA PRO B 177 -3.27 -5.74 12.48
C PRO B 177 -3.79 -7.05 13.06
N PRO B 178 -4.17 -7.06 14.34
CA PRO B 178 -4.69 -8.29 14.96
C PRO B 178 -5.96 -8.78 14.24
N TYR B 179 -6.28 -10.06 14.41
CA TYR B 179 -7.57 -10.64 13.99
C TYR B 179 -7.79 -10.83 12.49
N LEU B 180 -6.81 -10.44 11.67
CA LEU B 180 -6.96 -10.39 10.21
C LEU B 180 -6.68 -11.71 9.51
N MET B 181 -7.38 -11.94 8.40
CA MET B 181 -7.02 -12.95 7.40
C MET B 181 -6.17 -12.27 6.33
N VAL B 182 -5.03 -12.86 6.03
CA VAL B 182 -4.11 -12.30 5.03
C VAL B 182 -3.82 -13.36 3.97
N THR B 183 -4.15 -13.06 2.71
CA THR B 183 -3.89 -13.96 1.60
C THR B 183 -2.63 -13.55 0.84
N ALA B 184 -2.05 -14.50 0.11
CA ALA B 184 -0.92 -14.19 -0.77
C ALA B 184 -1.44 -13.47 -2.00
N VAL B 185 -0.96 -12.25 -2.21
CA VAL B 185 -1.34 -11.48 -3.40
C VAL B 185 -0.28 -11.71 -4.48
N ASN B 186 0.07 -12.98 -4.65
CA ASN B 186 1.05 -13.44 -5.63
C ASN B 186 2.48 -13.08 -5.22
N ALA B 187 2.82 -11.79 -5.26
CA ALA B 187 4.05 -11.27 -4.66
C ALA B 187 3.69 -10.33 -3.52
N GLY B 188 3.77 -10.83 -2.29
CA GLY B 188 3.37 -10.06 -1.11
C GLY B 188 2.16 -10.63 -0.40
N SER B 189 1.30 -9.74 0.11
CA SER B 189 0.12 -10.11 0.90
C SER B 189 -0.94 -9.00 0.95
N THR B 190 -2.22 -9.39 1.00
CA THR B 190 -3.34 -8.44 1.16
C THR B 190 -4.32 -8.86 2.26
N PRO B 191 -4.97 -7.88 2.92
CA PRO B 191 -6.03 -8.16 3.89
C PRO B 191 -7.26 -8.78 3.22
N CYS B 192 -7.93 -9.67 3.93
CA CYS B 192 -8.99 -10.47 3.33
C CYS B 192 -10.15 -10.70 4.31
N GLY B 193 -10.46 -9.70 5.11
CA GLY B 193 -11.47 -9.84 6.15
C GLY B 193 -10.89 -10.29 7.46
N ILE B 194 -11.76 -10.74 8.35
CA ILE B 194 -11.41 -11.13 9.71
C ILE B 194 -11.31 -12.64 9.84
N ASN B 195 -10.39 -13.09 10.70
CA ASN B 195 -10.21 -14.50 11.03
C ASN B 195 -11.35 -14.99 11.94
N THR B 196 -12.56 -15.06 11.38
CA THR B 196 -13.75 -15.46 12.15
C THR B 196 -13.67 -16.89 12.68
N GLU B 197 -13.11 -17.81 11.88
CA GLU B 197 -12.99 -19.20 12.31
C GLU B 197 -12.12 -19.35 13.56
N GLY B 198 -10.95 -18.71 13.56
CA GLY B 198 -10.06 -18.72 14.71
C GLY B 198 -10.73 -18.09 15.93
N LEU B 199 -11.36 -16.94 15.72
CA LEU B 199 -12.00 -16.20 16.81
C LEU B 199 -13.19 -16.95 17.42
N LYS B 200 -13.96 -17.62 16.57
CA LYS B 200 -15.11 -18.43 17.03
C LYS B 200 -14.69 -19.59 17.91
N ARG B 201 -13.71 -20.38 17.46
CA ARG B 201 -13.28 -21.57 18.22
C ARG B 201 -12.42 -21.25 19.45
N ARG B 202 -12.03 -20.00 19.62
CA ARG B 202 -11.27 -19.56 20.80
C ARG B 202 -12.15 -18.80 21.80
N GLY B 203 -13.44 -18.68 21.50
CA GLY B 203 -14.44 -18.20 22.46
C GLY B 203 -14.81 -16.72 22.43
N PHE B 204 -14.53 -16.06 21.31
CA PHE B 204 -14.94 -14.66 21.12
C PHE B 204 -16.46 -14.57 20.96
N THR B 205 -17.06 -13.63 21.70
CA THR B 205 -18.51 -13.41 21.65
C THR B 205 -18.90 -12.71 20.35
N PRO B 206 -20.15 -12.92 19.88
CA PRO B 206 -20.67 -12.20 18.71
C PRO B 206 -20.53 -10.67 18.79
N GLU B 207 -20.64 -10.13 20.01
CA GLU B 207 -20.55 -8.68 20.23
C GLU B 207 -19.14 -8.17 19.97
N GLU B 208 -18.14 -8.94 20.42
CA GLU B 208 -16.73 -8.61 20.20
C GLU B 208 -16.36 -8.67 18.73
N MET B 209 -16.85 -9.71 18.04
CA MET B 209 -16.55 -9.93 16.64
C MET B 209 -17.20 -8.91 15.72
N LYS B 210 -18.31 -8.33 16.16
CA LYS B 210 -18.96 -7.24 15.43
C LYS B 210 -18.12 -5.97 15.45
N LYS B 211 -17.57 -5.62 16.61
CA LYS B 211 -16.71 -4.44 16.75
C LYS B 211 -15.39 -4.63 15.98
N ILE B 212 -14.83 -5.83 16.07
CA ILE B 212 -13.64 -6.22 15.30
C ILE B 212 -13.90 -6.05 13.80
N LYS B 213 -15.05 -6.54 13.34
CA LYS B 213 -15.45 -6.43 11.94
C LYS B 213 -15.62 -4.95 11.55
N GLU B 214 -16.11 -4.15 12.48
CA GLU B 214 -16.26 -2.71 12.27
C GLU B 214 -14.92 -2.01 12.07
N VAL B 215 -13.91 -2.38 12.87
CA VAL B 215 -12.57 -1.78 12.74
C VAL B 215 -11.95 -2.12 11.37
N TYR B 216 -12.18 -3.36 10.91
CA TYR B 216 -11.74 -3.78 9.59
C TYR B 216 -12.30 -2.85 8.50
N LYS B 217 -13.58 -2.53 8.60
CA LYS B 217 -14.26 -1.61 7.69
C LYS B 217 -13.67 -0.20 7.75
N VAL B 218 -13.46 0.29 8.97
CA VAL B 218 -12.80 1.59 9.19
C VAL B 218 -11.44 1.59 8.51
N LEU B 219 -10.68 0.52 8.71
CA LEU B 219 -9.33 0.39 8.14
C LEU B 219 -9.33 0.31 6.62
N TYR B 220 -10.20 -0.53 6.05
CA TYR B 220 -10.03 -0.92 4.65
C TYR B 220 -11.16 -0.61 3.66
N ARG B 221 -12.34 -0.20 4.16
CA ARG B 221 -13.53 -0.11 3.31
C ARG B 221 -14.27 1.23 3.32
N LYS B 222 -13.82 2.18 4.12
CA LYS B 222 -14.53 3.46 4.26
C LYS B 222 -13.83 4.64 3.58
N GLY B 223 -12.80 4.35 2.80
CA GLY B 223 -12.07 5.39 2.06
C GLY B 223 -11.27 6.33 2.94
N LEU B 224 -10.97 5.88 4.16
CA LEU B 224 -10.20 6.69 5.11
C LEU B 224 -8.71 6.42 4.97
N MET B 225 -7.92 7.47 5.15
CA MET B 225 -6.48 7.32 5.28
C MET B 225 -6.16 6.74 6.65
N MET B 226 -4.98 6.12 6.78
CA MET B 226 -4.57 5.47 8.02
C MET B 226 -4.55 6.40 9.23
N LYS B 227 -4.14 7.64 9.03
CA LYS B 227 -4.12 8.65 10.09
C LYS B 227 -5.52 8.83 10.68
N GLU B 228 -6.51 8.96 9.79
CA GLU B 228 -7.91 9.15 10.16
C GLU B 228 -8.52 7.91 10.79
N ALA B 229 -8.21 6.74 10.23
CA ALA B 229 -8.71 5.47 10.75
C ALA B 229 -8.23 5.27 12.18
N PHE B 230 -6.94 5.50 12.40
CA PHE B 230 -6.30 5.33 13.70
C PHE B 230 -6.96 6.18 14.79
N GLU B 231 -7.29 7.43 14.47
CA GLU B 231 -8.02 8.30 15.41
C GLU B 231 -9.38 7.75 15.81
N ILE B 232 -10.10 7.18 14.83
CA ILE B 232 -11.39 6.56 15.08
C ILE B 232 -11.23 5.25 15.87
N ILE B 233 -10.21 4.47 15.53
CA ILE B 233 -9.92 3.22 16.23
C ILE B 233 -9.58 3.48 17.71
N LYS B 234 -8.74 4.49 17.96
CA LYS B 234 -8.40 4.88 19.33
C LYS B 234 -9.65 5.20 20.15
N GLU B 235 -10.59 5.92 19.54
CA GLU B 235 -11.82 6.31 20.20
C GLU B 235 -12.74 5.10 20.45
N MET B 236 -12.75 4.17 19.49
CA MET B 236 -13.54 2.94 19.61
C MET B 236 -13.00 2.00 20.69
N ALA B 237 -11.69 1.98 20.86
CA ALA B 237 -11.02 1.09 21.82
C ALA B 237 -11.27 1.49 23.27
N LYS B 238 -11.67 2.74 23.50
CA LYS B 238 -12.07 3.23 24.82
C LYS B 238 -13.33 2.50 25.31
N GLU B 239 -14.28 2.30 24.39
CA GLU B 239 -15.58 1.70 24.72
C GLU B 239 -15.59 0.17 24.60
N ASP B 240 -14.64 -0.38 23.85
CA ASP B 240 -14.48 -1.83 23.70
C ASP B 240 -13.01 -2.22 23.74
N LYS B 241 -12.59 -2.81 24.85
CA LYS B 241 -11.19 -3.10 25.12
C LYS B 241 -10.62 -4.25 24.30
N VAL B 242 -11.49 -5.01 23.65
CA VAL B 242 -11.07 -6.08 22.73
C VAL B 242 -10.32 -5.49 21.53
N LEU B 243 -10.50 -4.19 21.31
CA LEU B 243 -9.88 -3.46 20.20
C LEU B 243 -8.52 -2.83 20.57
N GLU B 244 -8.11 -3.00 21.83
CA GLU B 244 -6.82 -2.50 22.31
C GLU B 244 -5.63 -2.93 21.42
N PRO B 245 -5.56 -4.23 21.04
CA PRO B 245 -4.46 -4.68 20.17
C PRO B 245 -4.28 -3.87 18.87
N PHE B 246 -5.38 -3.39 18.29
CA PHE B 246 -5.31 -2.52 17.10
C PHE B 246 -4.50 -1.25 17.37
N VAL B 247 -4.78 -0.60 18.50
CA VAL B 247 -4.08 0.61 18.91
C VAL B 247 -2.59 0.33 19.13
N ASP B 248 -2.28 -0.84 19.69
CA ASP B 248 -0.92 -1.25 19.97
C ASP B 248 -0.11 -1.54 18.70
N VAL B 249 -0.67 -2.34 17.78
CA VAL B 249 0.02 -2.63 16.52
C VAL B 249 0.19 -1.37 15.66
N ILE B 250 -0.91 -0.67 15.38
CA ILE B 250 -0.85 0.54 14.56
C ILE B 250 0.02 1.63 15.18
N GLY B 251 -0.21 1.91 16.47
CA GLY B 251 0.50 2.98 17.16
C GLY B 251 2.02 2.82 17.24
N THR B 252 2.48 1.58 17.38
CA THR B 252 3.90 1.30 17.56
C THR B 252 4.56 0.72 16.30
N SER B 253 3.89 0.86 15.16
CA SER B 253 4.37 0.32 13.90
C SER B 253 5.72 0.91 13.48
N ARG B 254 6.63 0.04 13.07
CA ARG B 254 7.95 0.45 12.61
C ARG B 254 8.06 0.32 11.09
N ARG B 255 7.23 -0.53 10.50
CA ARG B 255 7.27 -0.76 9.06
C ARG B 255 6.04 -0.20 8.34
N GLY B 256 5.10 0.37 9.10
CA GLY B 256 3.85 0.82 8.52
C GLY B 256 2.86 -0.33 8.43
N ILE B 257 1.59 0.02 8.21
CA ILE B 257 0.50 -0.94 8.30
C ILE B 257 0.13 -1.52 6.93
N LEU B 258 -0.09 -2.83 6.91
CA LEU B 258 -0.56 -3.53 5.71
C LEU B 258 -1.82 -2.85 5.17
N ARG B 259 -1.78 -2.49 3.89
CA ARG B 259 -2.93 -1.90 3.22
C ARG B 259 -3.54 -2.88 2.20
N ASP B 260 -4.75 -2.56 1.75
CA ASP B 260 -5.33 -3.16 0.57
C ASP B 260 -5.19 -2.11 -0.54
N PRO B 261 -4.19 -2.28 -1.42
CA PRO B 261 -3.80 -1.21 -2.37
C PRO B 261 -4.91 -0.94 -3.38
N ASN B 262 -5.84 -1.88 -3.50
CA ASN B 262 -6.95 -1.79 -4.43
C ASN B 262 -8.31 -1.65 -3.72
N SER B 263 -8.31 -0.90 -2.62
CA SER B 263 -9.52 -0.68 -1.82
C SER B 263 -10.45 0.34 -2.47
N SER B 264 -9.88 1.24 -3.29
CA SER B 264 -10.68 2.24 -4.01
C SER B 264 -11.63 1.63 -5.04
N SER B 265 -11.41 0.36 -5.38
CA SER B 265 -12.28 -0.38 -6.31
C SER B 265 -13.50 -0.98 -5.62
N VAL B 266 -13.44 -1.10 -4.28
CA VAL B 266 -14.51 -1.76 -3.52
C VAL B 266 -14.96 -0.99 -2.27
N ASP B 267 -14.44 0.22 -2.06
CA ASP B 267 -14.82 1.01 -0.89
C ASP B 267 -16.21 1.66 -1.03
N LYS B 268 -16.54 2.51 -0.07
CA LYS B 268 -17.87 3.11 0.02
C LYS B 268 -18.23 3.89 -1.23
N LEU B 269 -17.30 4.72 -1.71
CA LEU B 269 -17.46 5.48 -2.94
C LEU B 269 -17.76 4.61 -4.17
N ALA B 270 -17.00 3.53 -4.32
CA ALA B 270 -17.15 2.64 -5.47
C ALA B 270 -18.51 1.92 -5.48
N ALA B 271 -18.95 1.48 -4.31
CA ALA B 271 -20.15 0.65 -4.17
C ALA B 271 -21.43 1.43 -3.89
N ALA B 272 -21.30 2.71 -3.58
CA ALA B 272 -22.45 3.58 -3.31
C ALA B 272 -22.81 4.39 -4.55
N LEU B 273 -23.77 3.89 -5.31
CA LEU B 273 -24.20 4.55 -6.54
C LEU B 273 -25.67 5.00 -6.55
N GLU B 274 -26.31 4.93 -5.37
CA GLU B 274 -27.68 5.42 -5.20
C GLU B 274 -27.96 5.92 -3.79
N HIS B 275 -29.12 6.56 -3.61
CA HIS B 275 -29.57 7.09 -2.32
C HIS B 275 -30.08 6.00 -1.37
N HIS B 276 -30.61 6.42 -0.23
CA HIS B 276 -31.20 5.55 0.82
C HIS B 276 -30.17 4.63 1.46
#